data_3WAL
#
_entry.id   3WAL
#
_cell.length_a   92.980
_cell.length_b   92.980
_cell.length_c   33.090
_cell.angle_alpha   90.00
_cell.angle_beta   90.00
_cell.angle_gamma   90.00
#
_symmetry.space_group_name_H-M   'I 41'
#
loop_
_entity.id
_entity.type
_entity.pdbx_description
1 polymer 'Microtubule-associated proteins 1A/1B light chain 3A'
2 non-polymer D-MALATE
3 water water
#
_entity_poly.entity_id   1
_entity_poly.type   'polypeptide(L)'
_entity_poly.pdbx_seq_one_letter_code
;GSPEFPSDRPFKQRRSFADRCKEVQQIRDQHPSKIPVIIERYKGEKQLPVLDKTKFLVPDHVNMSELVKIIRRRLQLNPT
QAFFLLVNQHSMVSVSTPIADIYEQEKDEDGFLYMVYASQETFGF
;
_entity_poly.pdbx_strand_id   A
#
# COMPACT_ATOMS: atom_id res chain seq x y z
N ARG A 9 10.21 -2.35 12.23
CA ARG A 9 9.37 -1.35 12.94
C ARG A 9 8.49 -0.72 11.88
N PRO A 10 7.19 -0.55 12.15
CA PRO A 10 6.30 0.17 11.17
C PRO A 10 6.83 1.52 10.75
N PHE A 11 6.45 1.95 9.55
CA PHE A 11 6.93 3.21 8.96
C PHE A 11 6.66 4.41 9.88
N LYS A 12 5.47 4.41 10.46
CA LYS A 12 5.10 5.50 11.35
C LYS A 12 5.96 5.58 12.65
N GLN A 13 6.53 4.49 13.09
CA GLN A 13 7.43 4.52 14.22
C GLN A 13 8.80 5.04 13.80
N ARG A 14 9.07 5.03 12.51
CA ARG A 14 10.40 5.37 12.06
C ARG A 14 10.58 6.80 11.64
N ARG A 15 9.48 7.47 11.28
CA ARG A 15 9.54 8.84 10.74
C ARG A 15 8.41 9.62 11.48
N SER A 16 8.76 10.78 12.01
CA SER A 16 7.82 11.68 12.63
C SER A 16 6.73 12.14 11.67
N PHE A 17 5.62 12.55 12.24
CA PHE A 17 4.47 13.00 11.44
C PHE A 17 4.94 14.15 10.53
N ALA A 18 5.71 15.09 11.08
CA ALA A 18 6.21 16.22 10.27
C ALA A 18 7.07 15.72 9.09
N ASP A 19 7.92 14.73 9.36
CA ASP A 19 8.81 14.23 8.33
C ASP A 19 8.03 13.44 7.27
N ARG A 20 6.97 12.77 7.66
CA ARG A 20 6.13 12.10 6.69
C ARG A 20 5.40 13.12 5.77
N CYS A 21 4.81 14.17 6.35
CA CYS A 21 4.17 15.25 5.58
C CYS A 21 5.19 15.85 4.61
N LYS A 22 6.43 16.02 5.02
CA LYS A 22 7.43 16.67 4.15
C LYS A 22 7.76 15.73 3.01
N GLU A 23 7.76 14.45 3.27
CA GLU A 23 8.10 13.53 2.27
C GLU A 23 7.01 13.49 1.17
N VAL A 24 5.75 13.51 1.60
CA VAL A 24 4.61 13.55 0.64
C VAL A 24 4.68 14.81 -0.16
N GLN A 25 4.95 15.96 0.48
CA GLN A 25 5.13 17.26 -0.21
C GLN A 25 6.17 17.21 -1.27
N GLN A 26 7.28 16.55 -0.98
CA GLN A 26 8.33 16.40 -1.96
C GLN A 26 7.92 15.48 -3.10
N ILE A 27 7.17 14.42 -2.83
CA ILE A 27 6.71 13.49 -3.85
C ILE A 27 5.68 14.22 -4.74
N ARG A 28 4.90 15.14 -4.20
CA ARG A 28 3.98 15.95 -5.01
C ARG A 28 4.78 16.74 -6.08
N ASP A 29 5.95 17.28 -5.67
CA ASP A 29 6.82 18.05 -6.55
C ASP A 29 7.62 17.16 -7.46
N GLN A 30 8.27 16.09 -7.00
CA GLN A 30 9.12 15.33 -7.89
C GLN A 30 8.34 14.32 -8.76
N HIS A 31 7.17 13.84 -8.30
CA HIS A 31 6.42 12.82 -9.01
C HIS A 31 4.96 13.15 -8.90
N PRO A 32 4.53 14.22 -9.53
CA PRO A 32 3.17 14.74 -9.35
C PRO A 32 2.03 13.78 -9.72
N SER A 33 2.28 12.81 -10.55
CA SER A 33 1.19 12.02 -10.99
C SER A 33 1.23 10.61 -10.31
N LYS A 34 2.10 10.46 -9.27
CA LYS A 34 2.18 9.20 -8.49
C LYS A 34 1.48 9.41 -7.14
N ILE A 35 0.85 8.34 -6.71
CA ILE A 35 0.26 8.28 -5.36
C ILE A 35 1.30 7.66 -4.44
N PRO A 36 1.56 8.33 -3.34
CA PRO A 36 2.58 7.86 -2.37
C PRO A 36 1.91 6.82 -1.42
N VAL A 37 2.36 5.57 -1.53
CA VAL A 37 1.75 4.44 -0.79
C VAL A 37 2.84 3.77 0.12
N ILE A 38 2.40 3.42 1.32
CA ILE A 38 3.10 2.61 2.30
C ILE A 38 2.38 1.26 2.31
N ILE A 39 3.13 0.19 1.98
CA ILE A 39 2.63 -1.18 2.04
C ILE A 39 3.45 -2.00 3.03
N GLU A 40 2.77 -2.58 4.03
CA GLU A 40 3.45 -3.24 5.11
C GLU A 40 2.72 -4.54 5.44
N ARG A 41 3.50 -5.48 5.94
CA ARG A 41 3.02 -6.83 6.21
C ARG A 41 2.26 -6.76 7.49
N TYR A 42 1.08 -7.34 7.52
CA TYR A 42 0.31 -7.40 8.75
C TYR A 42 1.14 -7.91 9.95
N LYS A 43 0.88 -7.31 11.11
CA LYS A 43 1.69 -7.56 12.31
C LYS A 43 1.74 -9.06 12.63
N GLY A 44 0.61 -9.73 12.56
CA GLY A 44 0.60 -11.16 12.93
C GLY A 44 1.07 -12.19 11.90
N GLU A 45 1.59 -11.73 10.75
CA GLU A 45 1.63 -12.58 9.55
C GLU A 45 2.75 -13.58 9.65
N LYS A 46 2.42 -14.81 9.31
CA LYS A 46 3.36 -15.92 9.42
C LYS A 46 3.78 -16.44 8.06
N GLN A 47 2.81 -16.66 7.17
CA GLN A 47 3.05 -17.40 5.91
C GLN A 47 3.88 -16.61 4.91
N LEU A 48 3.46 -15.35 4.69
CA LEU A 48 4.11 -14.47 3.72
C LEU A 48 5.40 -13.80 4.17
N PRO A 49 6.34 -13.71 3.24
CA PRO A 49 7.56 -12.98 3.54
C PRO A 49 7.32 -11.46 3.58
N VAL A 50 8.29 -10.76 4.13
CA VAL A 50 8.31 -9.32 4.11
C VAL A 50 8.68 -8.84 2.70
N LEU A 51 8.15 -7.67 2.32
CA LEU A 51 8.51 -7.06 1.03
C LEU A 51 9.89 -6.47 1.13
N ASP A 52 10.50 -6.27 -0.01
CA ASP A 52 11.82 -5.68 -0.07
C ASP A 52 11.81 -4.19 0.29
N LYS A 53 10.63 -3.60 0.28
CA LYS A 53 10.52 -2.19 0.53
C LYS A 53 9.10 -1.84 0.93
N THR A 54 8.97 -0.61 1.39
CA THR A 54 7.80 -0.12 2.09
C THR A 54 7.02 0.94 1.32
N LYS A 55 7.80 1.79 0.67
CA LYS A 55 7.27 2.98 0.04
C LYS A 55 7.20 2.78 -1.46
N PHE A 56 6.03 3.02 -2.01
CA PHE A 56 5.71 2.77 -3.40
C PHE A 56 5.13 4.06 -3.96
N LEU A 57 5.54 4.37 -5.16
CA LEU A 57 5.04 5.52 -5.93
C LEU A 57 4.21 4.94 -7.04
N VAL A 58 2.89 5.03 -6.93
CA VAL A 58 2.01 4.31 -7.85
C VAL A 58 1.36 5.27 -8.75
N PRO A 59 1.45 5.02 -10.08
CA PRO A 59 0.84 5.91 -11.03
C PRO A 59 -0.64 6.00 -10.75
N ASP A 60 -1.19 7.21 -10.77
CA ASP A 60 -2.52 7.42 -10.16
C ASP A 60 -3.68 6.80 -10.97
N HIS A 61 -3.39 6.28 -12.16
CA HIS A 61 -4.43 5.64 -13.00
C HIS A 61 -4.52 4.11 -12.74
N VAL A 62 -3.60 3.56 -11.99
CA VAL A 62 -3.62 2.10 -11.68
C VAL A 62 -4.88 1.72 -10.85
N ASN A 63 -5.63 0.71 -11.31
CA ASN A 63 -6.70 0.15 -10.56
C ASN A 63 -6.22 -0.58 -9.33
N MET A 64 -6.98 -0.51 -8.25
CA MET A 64 -6.53 -1.22 -7.02
C MET A 64 -6.37 -2.72 -7.30
N SER A 65 -7.24 -3.29 -8.14
CA SER A 65 -7.10 -4.72 -8.47
C SER A 65 -5.78 -5.07 -9.19
N GLU A 66 -5.25 -4.17 -10.04
CA GLU A 66 -3.93 -4.29 -10.61
C GLU A 66 -2.80 -4.15 -9.59
N LEU A 67 -2.95 -3.25 -8.65
CA LEU A 67 -1.97 -3.15 -7.59
C LEU A 67 -1.84 -4.41 -6.83
N VAL A 68 -2.97 -5.08 -6.55
CA VAL A 68 -2.94 -6.35 -5.87
C VAL A 68 -2.05 -7.32 -6.66
N LYS A 69 -2.26 -7.41 -7.97
CA LYS A 69 -1.46 -8.35 -8.79
C LYS A 69 0.03 -7.99 -8.81
N ILE A 70 0.32 -6.68 -8.84
CA ILE A 70 1.71 -6.17 -8.77
C ILE A 70 2.42 -6.60 -7.52
N ILE A 71 1.75 -6.45 -6.37
CA ILE A 71 2.43 -6.76 -5.11
C ILE A 71 2.63 -8.26 -4.94
N ARG A 72 1.63 -9.00 -5.42
CA ARG A 72 1.74 -10.44 -5.46
C ARG A 72 2.97 -10.86 -6.31
N ARG A 73 3.15 -10.27 -7.49
CA ARG A 73 4.34 -10.59 -8.28
C ARG A 73 5.63 -10.29 -7.53
N ARG A 74 5.62 -9.16 -6.83
CA ARG A 74 6.80 -8.74 -6.09
C ARG A 74 7.13 -9.77 -5.00
N LEU A 75 6.11 -10.43 -4.45
CA LEU A 75 6.33 -11.49 -3.47
C LEU A 75 6.69 -12.83 -4.10
N GLN A 76 6.63 -12.97 -5.43
CA GLN A 76 7.03 -14.20 -6.10
C GLN A 76 6.29 -15.40 -5.47
N LEU A 77 4.96 -15.32 -5.41
CA LEU A 77 4.16 -16.41 -4.81
C LEU A 77 3.66 -17.42 -5.86
N ASN A 78 3.27 -18.63 -5.45
CA ASN A 78 2.50 -19.46 -6.42
C ASN A 78 1.07 -18.98 -6.43
N PRO A 79 0.26 -19.53 -7.34
CA PRO A 79 -1.18 -19.17 -7.32
C PRO A 79 -1.96 -20.08 -6.33
N THR A 80 -1.21 -20.88 -5.58
CA THR A 80 -1.68 -21.62 -4.40
C THR A 80 -1.74 -20.76 -3.15
N GLN A 81 -0.78 -19.83 -3.03
CA GLN A 81 -0.58 -19.02 -1.83
C GLN A 81 -1.56 -17.82 -1.83
N ALA A 82 -2.40 -17.78 -0.79
CA ALA A 82 -3.37 -16.72 -0.55
C ALA A 82 -2.64 -15.39 -0.23
N PHE A 83 -3.23 -14.33 -0.71
CA PHE A 83 -2.70 -12.98 -0.59
C PHE A 83 -3.82 -12.01 -0.67
N PHE A 84 -3.81 -11.12 0.34
CA PHE A 84 -4.76 -10.02 0.51
C PHE A 84 -3.99 -8.70 0.79
N LEU A 85 -4.32 -7.70 0.00
CA LEU A 85 -3.84 -6.34 0.17
C LEU A 85 -5.00 -5.46 0.64
N LEU A 86 -4.88 -4.87 1.84
CA LEU A 86 -5.98 -4.22 2.53
C LEU A 86 -5.71 -2.69 2.73
N VAL A 87 -6.78 -1.91 2.63
CA VAL A 87 -6.73 -0.46 2.86
C VAL A 87 -7.76 -0.19 3.91
N ASN A 88 -7.30 0.30 5.07
CA ASN A 88 -8.23 0.48 6.24
C ASN A 88 -9.13 -0.77 6.44
N GLN A 89 -8.43 -1.92 6.33
CA GLN A 89 -8.90 -3.31 6.48
C GLN A 89 -9.85 -3.84 5.38
N HIS A 90 -10.00 -3.13 4.26
CA HIS A 90 -10.80 -3.55 3.06
C HIS A 90 -9.90 -4.18 2.03
N SER A 91 -10.28 -5.38 1.57
CA SER A 91 -9.47 -6.14 0.61
C SER A 91 -9.67 -5.44 -0.77
N MET A 92 -8.58 -5.29 -1.51
CA MET A 92 -8.60 -4.51 -2.73
C MET A 92 -8.77 -5.42 -4.00
N VAL A 93 -8.90 -6.75 -3.77
CA VAL A 93 -8.79 -7.70 -4.92
C VAL A 93 -9.81 -7.40 -6.08
N SER A 94 -11.05 -7.06 -5.72
CA SER A 94 -12.13 -6.83 -6.66
C SER A 94 -12.34 -5.36 -7.01
N VAL A 95 -11.49 -4.47 -6.50
CA VAL A 95 -11.72 -3.01 -6.56
C VAL A 95 -11.08 -2.48 -7.83
N SER A 96 -11.89 -2.19 -8.87
CA SER A 96 -11.32 -1.62 -10.14
C SER A 96 -11.13 -0.12 -10.12
N THR A 97 -11.36 0.50 -8.98
CA THR A 97 -11.25 1.92 -8.83
C THR A 97 -9.76 2.31 -9.03
N PRO A 98 -9.49 3.38 -9.82
CA PRO A 98 -8.18 4.03 -9.82
C PRO A 98 -7.74 4.45 -8.48
N ILE A 99 -6.47 4.19 -8.24
CA ILE A 99 -5.89 4.57 -7.00
C ILE A 99 -6.03 6.05 -6.71
N ALA A 100 -6.09 6.92 -7.74
CA ALA A 100 -6.31 8.36 -7.52
C ALA A 100 -7.56 8.61 -6.64
N ASP A 101 -8.60 7.81 -6.92
CA ASP A 101 -9.89 7.92 -6.20
C ASP A 101 -9.89 7.34 -4.79
N ILE A 102 -9.24 6.20 -4.61
CA ILE A 102 -9.04 5.62 -3.28
C ILE A 102 -8.19 6.59 -2.48
N TYR A 103 -7.19 7.23 -3.10
CA TYR A 103 -6.30 8.10 -2.40
C TYR A 103 -7.05 9.22 -1.71
N GLU A 104 -7.89 9.87 -2.50
CA GLU A 104 -8.70 11.00 -2.05
C GLU A 104 -9.64 10.61 -0.91
N GLN A 105 -10.22 9.41 -1.02
CA GLN A 105 -11.02 8.81 0.08
C GLN A 105 -10.31 8.36 1.34
N GLU A 106 -9.13 7.77 1.22
CA GLU A 106 -8.55 6.99 2.30
C GLU A 106 -7.16 7.49 2.77
N LYS A 107 -6.61 8.52 2.15
CA LYS A 107 -5.26 9.00 2.51
C LYS A 107 -5.19 9.31 3.96
N ASP A 108 -4.08 8.95 4.57
CA ASP A 108 -3.76 9.42 5.92
C ASP A 108 -3.66 10.96 6.00
N GLU A 109 -3.82 11.50 7.19
CA GLU A 109 -3.55 12.95 7.43
C GLU A 109 -2.09 13.33 7.08
N ASP A 110 -1.14 12.38 7.06
CA ASP A 110 0.24 12.71 6.59
C ASP A 110 0.38 12.75 5.05
N GLY A 111 -0.70 12.44 4.31
CA GLY A 111 -0.66 12.41 2.88
C GLY A 111 -0.31 11.06 2.27
N PHE A 112 0.17 10.08 3.04
CA PHE A 112 0.42 8.75 2.50
C PHE A 112 -0.87 7.95 2.48
N LEU A 113 -0.94 6.99 1.56
CA LEU A 113 -2.02 5.99 1.55
C LEU A 113 -1.42 4.71 2.13
N TYR A 114 -1.91 4.26 3.31
CA TYR A 114 -1.40 3.08 3.97
C TYR A 114 -2.15 1.80 3.59
N MET A 115 -1.40 0.74 3.35
CA MET A 115 -1.96 -0.57 3.10
C MET A 115 -1.20 -1.62 3.85
N VAL A 116 -1.91 -2.74 4.07
CA VAL A 116 -1.33 -3.84 4.84
C VAL A 116 -1.58 -5.12 4.08
N TYR A 117 -0.60 -6.00 4.01
CA TYR A 117 -0.92 -7.29 3.37
C TYR A 117 -0.85 -8.48 4.31
N ALA A 118 -1.66 -9.51 4.00
CA ALA A 118 -1.79 -10.72 4.82
C ALA A 118 -2.22 -11.94 3.97
N SER A 119 -2.02 -13.15 4.54
CA SER A 119 -2.42 -14.41 3.90
C SER A 119 -3.85 -14.80 4.26
N GLN A 120 -4.50 -13.98 5.07
CA GLN A 120 -5.90 -14.20 5.41
C GLN A 120 -6.62 -12.87 5.56
N GLU A 121 -7.94 -12.91 5.46
CA GLU A 121 -8.81 -11.79 5.89
C GLU A 121 -9.34 -12.10 7.32
N THR A 122 -9.49 -11.08 8.16
CA THR A 122 -9.90 -11.36 9.55
C THR A 122 -11.43 -11.62 9.72
N PHE A 123 -12.29 -10.90 8.98
CA PHE A 123 -13.77 -11.07 9.05
C PHE A 123 -14.38 -10.85 7.66
#